data_8A28
#
_entry.id   8A28
#
_cell.length_a   115.83
_cell.length_b   47.57
_cell.length_c   236.4
_cell.angle_alpha   90
_cell.angle_beta   102.91
_cell.angle_gamma   90
#
_symmetry.space_group_name_H-M   'C 1 2 1'
#
loop_
_entity.id
_entity.type
_entity.pdbx_description
1 polymer Metalloendopeptidase
2 non-polymer 'ZINC ION'
3 non-polymer 'MAGNESIUM ION'
4 non-polymer GLYCEROL
5 non-polymer DI(HYDROXYETHYL)ETHER
6 non-polymer 'TRIETHYLENE GLYCOL'
7 water water
#
_entity_poly.entity_id   1
_entity_poly.type   'polypeptide(L)'
_entity_poly.pdbx_seq_one_letter_code
;ENLGDLPLYHSNLFEGDIAGVSPYADKNAIVDHTLLWPGGIVYYELAPAAASIRNQILEGMKEYHEKTCIQFKERTAGVK
DYIRINRYDGCWSMVGRQGGMQELSLGYGCEWKGLVVHALGHAVGFWHEQNRADRDDYIEVIWDNILQSMQYNFNKMEPW
ENNYLNERFDYKSVMLYGETAFSKDGTSPTVRPKQPGVVIGPVWKKPGFSESDVRRVNRLYECFGEVRPPPPKIPDFICD
FESNDCGLENQVGMRGEFQRKYDTLGGRTGYFMVLSVTSSGTYADSRLITPYFGAYGNQDVCMSVDVYMSGPAVRDVEIS
RQDSNTESIGKYTEVSNSWVTRNFNLKAGREDMRFFIFAALDPYYGDGVVAVDNLKFKRKPC
;
_entity_poly.pdbx_strand_id   A,B
#
# COMPACT_ATOMS: atom_id res chain seq x y z
N GLU A 1 16.06 -21.58 16.93
CA GLU A 1 17.05 -21.39 15.88
C GLU A 1 16.54 -21.93 14.49
N ASN A 2 16.55 -23.27 14.26
CA ASN A 2 16.18 -23.89 13.00
C ASN A 2 14.76 -24.53 12.93
N LEU A 3 14.13 -24.80 14.09
CA LEU A 3 12.74 -25.31 14.18
C LEU A 3 11.70 -24.29 13.65
N GLY A 4 12.04 -23.01 13.61
CA GLY A 4 11.16 -21.98 13.06
C GLY A 4 10.88 -22.16 11.59
N ASP A 5 11.74 -22.94 10.85
CA ASP A 5 11.64 -23.19 9.39
C ASP A 5 10.94 -24.52 9.05
N LEU A 6 10.64 -25.39 10.07
CA LEU A 6 9.90 -26.61 9.84
C LEU A 6 8.60 -26.43 9.06
N PRO A 7 7.76 -25.36 9.12
CA PRO A 7 6.53 -25.36 8.30
C PRO A 7 6.84 -25.13 6.78
N LEU A 8 8.11 -24.91 6.44
CA LEU A 8 8.63 -24.79 5.08
C LEU A 8 8.89 -26.14 4.43
N TYR A 9 8.97 -27.25 5.21
CA TYR A 9 9.37 -28.54 4.59
C TYR A 9 8.29 -29.57 4.59
N HIS A 10 7.35 -29.47 3.65
CA HIS A 10 6.29 -30.47 3.53
C HIS A 10 6.84 -31.71 2.76
N SER A 11 6.28 -32.92 3.07
CA SER A 11 6.76 -34.15 2.45
C SER A 11 6.24 -34.27 1.05
N ASN A 12 4.94 -33.97 0.81
CA ASN A 12 4.42 -34.19 -0.54
C ASN A 12 4.52 -32.96 -1.42
N LEU A 13 5.43 -32.00 -1.07
CA LEU A 13 5.58 -30.77 -1.84
C LEU A 13 7.02 -30.63 -2.40
N PHE A 14 7.08 -30.12 -3.68
CA PHE A 14 8.34 -29.82 -4.36
C PHE A 14 9.20 -28.88 -3.58
N GLU A 15 10.42 -29.29 -3.22
CA GLU A 15 11.34 -28.49 -2.40
C GLU A 15 10.70 -27.93 -1.15
N GLY A 16 9.94 -28.77 -0.50
CA GLY A 16 9.21 -28.46 0.70
C GLY A 16 7.98 -27.59 0.60
N ASP A 17 7.98 -26.56 -0.22
CA ASP A 17 6.86 -25.59 -0.19
C ASP A 17 6.37 -25.11 -1.57
N ILE A 18 6.78 -25.81 -2.62
CA ILE A 18 6.35 -25.50 -3.95
C ILE A 18 5.16 -26.51 -4.28
N ALA A 19 4.02 -25.90 -4.47
CA ALA A 19 2.78 -26.50 -4.82
C ALA A 19 2.63 -26.54 -6.35
N GLY A 20 1.82 -27.48 -6.88
CA GLY A 20 1.56 -27.61 -8.30
C GLY A 20 2.69 -28.07 -9.20
N VAL A 21 3.80 -28.53 -8.60
CA VAL A 21 5.00 -29.11 -9.25
C VAL A 21 5.18 -30.52 -8.74
N SER A 22 5.63 -31.37 -9.65
CA SER A 22 5.73 -32.81 -9.36
C SER A 22 7.06 -33.03 -8.66
N PRO A 23 7.01 -33.75 -7.52
CA PRO A 23 8.21 -33.88 -6.69
C PRO A 23 9.53 -34.24 -7.39
N TYR A 24 9.54 -34.93 -8.53
CA TYR A 24 10.77 -35.30 -9.25
C TYR A 24 10.82 -34.69 -10.67
N ALA A 25 10.25 -33.44 -10.78
CA ALA A 25 10.20 -32.63 -11.97
C ALA A 25 11.58 -32.01 -12.40
N ASP A 26 11.73 -31.91 -13.75
CA ASP A 26 12.83 -31.24 -14.40
C ASP A 26 12.82 -29.77 -13.92
N LYS A 27 13.91 -29.38 -13.25
CA LYS A 27 14.03 -28.05 -12.63
C LYS A 27 14.31 -26.96 -13.66
N ASN A 28 14.91 -27.31 -14.79
CA ASN A 28 15.17 -26.35 -15.84
C ASN A 28 13.86 -25.97 -16.55
N ALA A 29 13.04 -26.97 -16.83
CA ALA A 29 11.73 -26.85 -17.51
C ALA A 29 10.68 -26.11 -16.69
N ILE A 30 10.51 -26.42 -15.38
CA ILE A 30 9.53 -25.71 -14.60
C ILE A 30 9.89 -24.23 -14.41
N VAL A 31 11.17 -23.87 -14.51
CA VAL A 31 11.55 -22.48 -14.30
C VAL A 31 11.24 -21.66 -15.55
N ASP A 32 11.46 -22.26 -16.71
CA ASP A 32 11.22 -21.59 -17.95
C ASP A 32 9.72 -21.34 -18.15
N HIS A 33 8.86 -22.23 -17.63
CA HIS A 33 7.42 -22.09 -17.76
C HIS A 33 6.76 -21.21 -16.68
N THR A 34 7.53 -20.41 -15.90
CA THR A 34 7.04 -19.50 -14.85
C THR A 34 6.40 -18.26 -15.46
N LEU A 35 5.14 -17.96 -15.03
CA LEU A 35 4.40 -16.81 -15.50
C LEU A 35 4.45 -15.69 -14.47
N LEU A 36 4.46 -14.45 -14.94
CA LEU A 36 4.54 -13.29 -14.04
C LEU A 36 3.19 -12.53 -14.03
N TRP A 37 3.01 -11.65 -13.03
CA TRP A 37 1.79 -10.89 -12.85
C TRP A 37 1.82 -9.65 -13.76
N PRO A 38 0.94 -9.52 -14.77
CA PRO A 38 1.03 -8.36 -15.68
C PRO A 38 1.01 -7.00 -14.94
N GLY A 39 2.02 -6.15 -15.17
CA GLY A 39 2.07 -4.86 -14.50
C GLY A 39 2.58 -4.91 -13.06
N GLY A 40 2.99 -6.11 -12.60
CA GLY A 40 3.45 -6.30 -11.22
C GLY A 40 2.26 -6.25 -10.25
N ILE A 41 1.02 -6.37 -10.77
CA ILE A 41 -0.18 -6.30 -9.96
C ILE A 41 -0.62 -7.66 -9.60
N VAL A 42 -0.38 -8.02 -8.34
CA VAL A 42 -0.77 -9.31 -7.76
C VAL A 42 -2.09 -9.14 -7.01
N TYR A 43 -3.15 -9.79 -7.51
CA TYR A 43 -4.44 -9.74 -6.82
C TYR A 43 -4.54 -10.84 -5.81
N TYR A 44 -5.19 -10.56 -4.69
CA TYR A 44 -5.32 -11.57 -3.65
C TYR A 44 -6.69 -11.47 -2.90
N GLU A 45 -6.96 -12.47 -2.11
CA GLU A 45 -8.05 -12.52 -1.13
C GLU A 45 -7.64 -13.49 0.00
N LEU A 46 -8.17 -13.24 1.18
CA LEU A 46 -7.93 -14.05 2.33
C LEU A 46 -9.10 -14.89 2.62
N ALA A 47 -8.89 -16.15 2.84
CA ALA A 47 -9.81 -17.07 3.39
C ALA A 47 -10.14 -16.66 4.84
N PRO A 48 -11.27 -17.08 5.44
CA PRO A 48 -11.51 -16.75 6.86
C PRO A 48 -10.36 -17.18 7.84
N ALA A 49 -9.65 -18.31 7.65
CA ALA A 49 -8.54 -18.68 8.55
C ALA A 49 -7.37 -17.72 8.42
N ALA A 50 -7.17 -17.15 7.22
CA ALA A 50 -6.08 -16.22 6.99
C ALA A 50 -6.36 -14.77 7.52
N ALA A 51 -7.60 -14.43 7.77
CA ALA A 51 -8.00 -13.14 8.33
C ALA A 51 -7.42 -12.88 9.77
N SER A 52 -7.36 -13.95 10.57
CA SER A 52 -6.93 -13.91 11.95
C SER A 52 -5.48 -13.33 12.11
N ILE A 53 -4.62 -13.44 11.02
CA ILE A 53 -3.24 -13.01 10.87
C ILE A 53 -3.05 -11.93 9.74
N ARG A 54 -4.12 -11.17 9.37
CA ARG A 54 -4.05 -10.16 8.32
C ARG A 54 -2.98 -9.12 8.54
N ASN A 55 -2.59 -8.82 9.77
CA ASN A 55 -1.56 -7.76 9.99
C ASN A 55 -0.13 -8.21 9.58
N GLN A 56 0.21 -9.45 9.92
CA GLN A 56 1.41 -10.13 9.55
C GLN A 56 1.46 -10.40 8.00
N ILE A 57 0.32 -10.55 7.33
CA ILE A 57 0.32 -10.74 5.87
C ILE A 57 0.63 -9.39 5.25
N LEU A 58 -0.05 -8.34 5.69
CA LEU A 58 0.20 -7.00 5.17
C LEU A 58 1.64 -6.49 5.44
N GLU A 59 2.36 -7.09 6.44
CA GLU A 59 3.73 -6.79 6.85
C GLU A 59 4.72 -7.31 5.83
N GLY A 60 4.55 -8.55 5.39
CA GLY A 60 5.38 -9.11 4.32
C GLY A 60 5.17 -8.38 3.00
N MET A 61 3.94 -8.07 2.64
CA MET A 61 3.56 -7.31 1.45
C MET A 61 4.17 -5.96 1.49
N LYS A 62 4.18 -5.25 2.69
CA LYS A 62 4.82 -3.94 2.93
C LYS A 62 6.27 -3.93 2.46
N GLU A 63 6.91 -5.11 2.33
CA GLU A 63 8.29 -5.28 1.92
C GLU A 63 8.40 -5.09 0.41
N TYR A 64 7.50 -5.66 -0.35
CA TYR A 64 7.43 -5.50 -1.81
C TYR A 64 7.01 -4.10 -2.15
N HIS A 65 6.06 -3.50 -1.38
CA HIS A 65 5.61 -2.16 -1.71
C HIS A 65 6.71 -1.12 -1.55
N GLU A 66 7.53 -1.28 -0.49
CA GLU A 66 8.51 -0.29 -0.17
C GLU A 66 9.79 -0.39 -0.98
N LYS A 67 10.06 -1.52 -1.63
CA LYS A 67 11.36 -1.66 -2.31
C LYS A 67 11.25 -1.99 -3.80
N THR A 68 10.07 -2.51 -4.24
CA THR A 68 9.88 -2.93 -5.62
C THR A 68 8.63 -2.20 -6.25
N CYS A 69 8.27 -2.54 -7.50
CA CYS A 69 7.09 -1.99 -8.21
C CYS A 69 5.93 -3.00 -8.22
N ILE A 70 5.98 -4.03 -7.35
CA ILE A 70 4.96 -5.04 -7.15
C ILE A 70 3.87 -4.43 -6.27
N GLN A 71 2.60 -4.51 -6.70
CA GLN A 71 1.45 -3.99 -6.00
C GLN A 71 0.52 -5.09 -5.65
N PHE A 72 0.32 -5.30 -4.35
CA PHE A 72 -0.62 -6.29 -3.85
C PHE A 72 -1.99 -5.58 -3.72
N LYS A 73 -2.96 -5.99 -4.54
CA LYS A 73 -4.28 -5.37 -4.51
C LYS A 73 -5.28 -6.41 -4.12
N GLU A 74 -6.31 -6.05 -3.34
CA GLU A 74 -7.43 -6.94 -3.04
C GLU A 74 -8.21 -7.20 -4.29
N ARG A 75 -8.60 -8.45 -4.51
CA ARG A 75 -9.40 -8.92 -5.64
C ARG A 75 -10.73 -8.22 -5.70
N THR A 76 -11.06 -7.64 -6.85
CA THR A 76 -12.33 -6.94 -7.06
C THR A 76 -13.11 -7.65 -8.24
N ALA A 77 -14.30 -7.15 -8.56
CA ALA A 77 -15.12 -7.65 -9.67
C ALA A 77 -14.29 -7.74 -10.99
N GLY A 78 -14.58 -8.76 -11.80
CA GLY A 78 -13.85 -8.94 -13.05
C GLY A 78 -12.45 -9.54 -13.00
N VAL A 79 -11.77 -9.51 -11.85
CA VAL A 79 -10.44 -10.11 -11.73
C VAL A 79 -10.59 -11.64 -11.78
N LYS A 80 -9.74 -12.34 -12.55
CA LYS A 80 -9.86 -13.77 -12.65
C LYS A 80 -8.66 -14.48 -12.10
N ASP A 81 -7.43 -13.90 -12.24
CA ASP A 81 -6.17 -14.46 -11.73
C ASP A 81 -5.83 -13.80 -10.44
N TYR A 82 -5.77 -14.57 -9.34
CA TYR A 82 -5.51 -14.04 -8.00
C TYR A 82 -5.10 -15.16 -7.03
N ILE A 83 -4.49 -14.78 -5.90
CA ILE A 83 -4.09 -15.71 -4.85
C ILE A 83 -5.08 -15.73 -3.68
N ARG A 84 -5.72 -16.91 -3.36
CA ARG A 84 -6.51 -17.00 -2.15
C ARG A 84 -5.58 -17.48 -1.05
N ILE A 85 -5.37 -16.70 0.01
CA ILE A 85 -4.44 -17.08 1.08
C ILE A 85 -5.24 -17.76 2.17
N ASN A 86 -4.83 -18.92 2.58
CA ASN A 86 -5.48 -19.72 3.63
C ASN A 86 -4.44 -20.25 4.61
N ARG A 87 -4.89 -20.97 5.66
CA ARG A 87 -3.97 -21.57 6.59
C ARG A 87 -4.05 -23.08 6.38
N TYR A 88 -3.10 -23.67 5.60
CA TYR A 88 -3.07 -25.13 5.45
C TYR A 88 -1.97 -25.63 6.38
N ASP A 89 -1.45 -26.84 6.13
CA ASP A 89 -0.32 -27.29 6.91
C ASP A 89 0.94 -26.67 6.36
N GLY A 90 1.49 -25.70 7.09
CA GLY A 90 2.74 -25.03 6.74
C GLY A 90 2.65 -23.92 5.72
N CYS A 91 3.78 -23.42 5.33
CA CYS A 91 3.90 -22.32 4.39
C CYS A 91 4.13 -22.92 3.06
N TRP A 92 3.56 -22.33 2.02
CA TRP A 92 3.82 -22.80 0.68
C TRP A 92 3.09 -21.93 -0.30
N SER A 93 3.42 -22.09 -1.54
CA SER A 93 2.78 -21.40 -2.61
C SER A 93 3.09 -22.02 -3.99
N MET A 94 2.24 -21.69 -4.95
CA MET A 94 2.50 -21.91 -6.37
C MET A 94 3.61 -20.97 -6.80
N VAL A 95 4.44 -21.34 -7.78
CA VAL A 95 5.47 -20.46 -8.28
C VAL A 95 5.00 -19.74 -9.56
N GLY A 96 4.70 -18.44 -9.39
CA GLY A 96 4.21 -17.54 -10.42
C GLY A 96 2.70 -17.43 -10.41
N ARG A 97 2.15 -16.79 -11.46
CA ARG A 97 0.72 -16.71 -11.72
C ARG A 97 0.31 -17.99 -12.42
N GLN A 98 -0.78 -18.58 -12.01
CA GLN A 98 -1.20 -19.84 -12.59
C GLN A 98 -2.33 -19.64 -13.56
N GLY A 99 -3.22 -18.69 -13.28
CA GLY A 99 -4.36 -18.44 -14.13
C GLY A 99 -5.52 -18.95 -13.31
N GLY A 100 -6.52 -18.09 -13.10
CA GLY A 100 -7.60 -18.40 -12.20
C GLY A 100 -7.18 -18.27 -10.75
N MET A 101 -7.99 -18.76 -9.80
CA MET A 101 -7.63 -18.71 -8.39
C MET A 101 -6.38 -19.59 -8.16
N GLN A 102 -5.42 -19.10 -7.35
CA GLN A 102 -4.30 -19.95 -6.95
C GLN A 102 -4.19 -19.88 -5.43
N GLU A 103 -3.79 -20.99 -4.80
CA GLU A 103 -3.62 -20.99 -3.35
C GLU A 103 -2.19 -20.67 -2.86
N LEU A 104 -2.16 -20.00 -1.74
CA LEU A 104 -0.97 -19.80 -0.96
C LEU A 104 -1.36 -20.20 0.49
N SER A 105 -0.53 -20.99 1.18
CA SER A 105 -0.76 -21.35 2.55
C SER A 105 0.18 -20.62 3.50
N LEU A 106 -0.42 -20.08 4.56
CA LEU A 106 0.34 -19.45 5.60
C LEU A 106 -0.13 -20.08 6.89
N GLY A 107 0.21 -21.36 7.09
CA GLY A 107 -0.22 -22.17 8.23
C GLY A 107 0.19 -21.74 9.62
N TYR A 108 0.11 -22.64 10.59
CA TYR A 108 0.57 -22.38 11.95
C TYR A 108 2.14 -22.29 11.96
N GLY A 109 2.68 -21.19 12.48
CA GLY A 109 4.11 -20.94 12.50
C GLY A 109 4.63 -20.09 11.34
N CYS A 110 3.74 -19.70 10.39
CA CYS A 110 4.07 -19.00 9.14
C CYS A 110 3.82 -17.48 9.22
N GLU A 111 3.72 -16.93 10.42
CA GLU A 111 3.41 -15.52 10.72
C GLU A 111 4.60 -14.60 10.55
N TRP A 112 5.84 -15.17 10.73
CA TRP A 112 7.11 -14.47 10.63
C TRP A 112 7.26 -13.76 9.32
N LYS A 113 7.82 -12.57 9.32
CA LYS A 113 7.93 -11.77 8.09
C LYS A 113 8.75 -12.53 7.01
N GLY A 114 9.76 -13.30 7.46
CA GLY A 114 10.66 -14.05 6.66
C GLY A 114 9.95 -15.04 5.79
N LEU A 115 9.00 -15.78 6.41
CA LEU A 115 8.20 -16.84 5.75
C LEU A 115 7.09 -16.21 4.93
N VAL A 116 6.51 -15.08 5.35
CA VAL A 116 5.49 -14.42 4.53
C VAL A 116 6.13 -13.93 3.24
N VAL A 117 7.24 -13.20 3.32
CA VAL A 117 7.99 -12.62 2.20
C VAL A 117 8.55 -13.77 1.33
N HIS A 118 8.94 -14.95 1.95
CA HIS A 118 9.43 -16.16 1.24
C HIS A 118 8.37 -16.78 0.34
N ALA A 119 7.19 -17.09 0.90
CA ALA A 119 6.01 -17.70 0.21
C ALA A 119 5.46 -16.73 -0.84
N LEU A 120 5.40 -15.41 -0.57
CA LEU A 120 4.98 -14.42 -1.56
C LEU A 120 6.03 -14.27 -2.72
N GLY A 121 7.30 -14.67 -2.44
CA GLY A 121 8.41 -14.65 -3.35
C GLY A 121 8.16 -15.66 -4.42
N HIS A 122 7.77 -16.87 -4.02
CA HIS A 122 7.32 -17.96 -4.95
C HIS A 122 6.14 -17.50 -5.79
N ALA A 123 5.17 -16.84 -5.13
CA ALA A 123 3.93 -16.42 -5.78
C ALA A 123 4.21 -15.50 -6.99
N VAL A 124 5.13 -14.52 -6.83
CA VAL A 124 5.44 -13.56 -7.88
C VAL A 124 6.45 -14.09 -8.94
N GLY A 125 7.11 -15.22 -8.69
CA GLY A 125 7.95 -15.82 -9.71
C GLY A 125 9.21 -16.54 -9.30
N PHE A 126 9.62 -16.42 -8.05
CA PHE A 126 10.95 -16.86 -7.63
C PHE A 126 10.99 -18.30 -7.08
N TRP A 127 12.09 -18.96 -7.37
CA TRP A 127 12.44 -20.37 -7.02
C TRP A 127 13.45 -20.44 -5.82
N HIS A 128 14.18 -21.56 -5.64
CA HIS A 128 15.11 -21.68 -4.54
C HIS A 128 16.50 -21.43 -4.99
N GLU A 129 17.24 -20.54 -4.15
CA GLU A 129 18.60 -20.10 -4.35
C GLU A 129 19.60 -21.21 -4.25
N GLN A 130 19.36 -22.24 -3.43
CA GLN A 130 20.32 -23.33 -3.24
C GLN A 130 20.46 -24.25 -4.45
N ASN A 131 19.61 -24.15 -5.45
CA ASN A 131 19.61 -25.10 -6.60
C ASN A 131 19.90 -24.42 -7.95
N ARG A 132 20.42 -23.17 -7.90
CA ARG A 132 20.89 -22.40 -9.07
C ARG A 132 21.91 -23.20 -9.76
N ALA A 133 22.12 -23.03 -11.08
CA ALA A 133 23.14 -23.83 -11.78
C ALA A 133 24.49 -23.69 -11.21
N ASP A 134 24.86 -22.51 -10.58
CA ASP A 134 26.25 -22.24 -10.09
C ASP A 134 26.40 -22.36 -8.59
N ARG A 135 25.46 -22.88 -7.86
CA ARG A 135 25.47 -23.00 -6.42
C ARG A 135 26.70 -23.75 -5.84
N ASP A 136 27.34 -24.65 -6.59
CA ASP A 136 28.38 -25.50 -6.03
C ASP A 136 29.73 -24.74 -5.85
N ASP A 137 29.84 -23.54 -6.46
CA ASP A 137 30.90 -22.59 -6.35
C ASP A 137 30.93 -21.87 -4.96
N TYR A 138 29.73 -21.82 -4.29
CA TYR A 138 29.32 -21.16 -3.05
C TYR A 138 28.81 -22.07 -1.93
N ILE A 139 28.35 -23.27 -2.22
CA ILE A 139 27.85 -24.21 -1.22
C ILE A 139 28.12 -25.68 -1.62
N GLU A 140 28.37 -26.51 -0.60
CA GLU A 140 28.52 -27.95 -0.60
C GLU A 140 27.30 -28.55 0.04
N VAL A 141 26.76 -29.60 -0.55
CA VAL A 141 25.62 -30.37 -0.11
C VAL A 141 26.13 -31.69 0.48
N ILE A 142 25.86 -31.94 1.74
CA ILE A 142 26.31 -33.09 2.47
C ILE A 142 25.19 -34.04 2.32
N TRP A 143 25.21 -34.75 1.16
CA TRP A 143 24.17 -35.66 0.76
C TRP A 143 23.86 -36.69 1.87
N ASP A 144 24.90 -37.08 2.64
CA ASP A 144 24.82 -38.06 3.70
C ASP A 144 24.02 -37.57 4.92
N ASN A 145 23.83 -36.24 5.04
CA ASN A 145 23.03 -35.66 6.12
C ASN A 145 21.59 -35.36 5.74
N ILE A 146 21.18 -35.69 4.51
CA ILE A 146 19.82 -35.48 4.04
C ILE A 146 19.03 -36.80 4.05
N LEU A 147 17.72 -36.75 4.37
CA LEU A 147 16.87 -37.95 4.30
C LEU A 147 16.86 -38.48 2.87
N GLN A 148 17.01 -39.79 2.69
CA GLN A 148 17.04 -40.38 1.35
C GLN A 148 15.76 -40.07 0.53
N SER A 149 14.56 -39.94 1.19
CA SER A 149 13.35 -39.61 0.44
C SER A 149 13.30 -38.15 -0.04
N MET A 150 14.22 -37.29 0.47
CA MET A 150 14.33 -35.83 0.37
C MET A 150 15.43 -35.28 -0.51
N GLN A 151 16.29 -36.14 -1.09
CA GLN A 151 17.47 -35.76 -1.89
C GLN A 151 17.19 -34.95 -3.16
N TYR A 152 16.07 -35.18 -3.87
CA TYR A 152 15.76 -34.41 -5.07
C TYR A 152 15.61 -32.92 -4.73
N ASN A 153 15.12 -32.58 -3.52
CA ASN A 153 15.05 -31.16 -3.10
C ASN A 153 16.42 -30.33 -3.18
N PHE A 154 17.54 -31.02 -3.31
CA PHE A 154 18.86 -30.42 -3.49
C PHE A 154 19.42 -30.57 -4.89
N ASN A 155 18.74 -31.26 -5.84
CA ASN A 155 19.25 -31.34 -7.22
C ASN A 155 19.29 -29.93 -7.82
N LYS A 156 20.40 -29.57 -8.40
CA LYS A 156 20.57 -28.25 -8.97
C LYS A 156 20.17 -28.24 -10.47
N MET A 157 19.99 -27.05 -10.99
CA MET A 157 19.72 -26.83 -12.41
C MET A 157 20.96 -27.06 -13.24
N GLU A 158 20.79 -27.52 -14.48
CA GLU A 158 21.90 -27.64 -15.40
C GLU A 158 22.11 -26.30 -16.09
N PRO A 159 23.38 -25.91 -16.32
CA PRO A 159 23.66 -24.60 -16.94
C PRO A 159 22.77 -24.27 -18.14
N TRP A 160 22.85 -23.03 -18.64
CA TRP A 160 22.02 -22.64 -19.78
C TRP A 160 20.65 -22.18 -19.19
N GLU A 161 20.75 -21.03 -18.49
CA GLU A 161 19.68 -20.17 -17.99
C GLU A 161 19.90 -18.87 -18.72
N ASN A 162 19.81 -18.95 -20.07
CA ASN A 162 20.12 -17.95 -21.11
C ASN A 162 20.54 -16.57 -20.58
N ASN A 163 21.70 -16.12 -21.10
CA ASN A 163 22.43 -14.89 -20.78
C ASN A 163 22.99 -14.93 -19.31
N TYR A 164 23.09 -16.15 -18.72
CA TYR A 164 23.64 -16.55 -17.42
C TYR A 164 22.77 -16.04 -16.22
N LEU A 165 23.22 -16.38 -14.99
CA LEU A 165 22.69 -16.08 -13.65
C LEU A 165 21.99 -14.70 -13.51
N ASN A 166 22.72 -13.62 -13.84
CA ASN A 166 22.41 -12.18 -13.76
C ASN A 166 22.78 -11.70 -12.31
N GLU A 167 21.96 -11.94 -11.24
CA GLU A 167 22.38 -11.56 -9.87
C GLU A 167 23.32 -12.68 -9.28
N ARG A 168 24.38 -12.29 -8.54
CA ARG A 168 25.33 -13.25 -8.02
C ARG A 168 24.73 -13.96 -6.89
N PHE A 169 25.13 -15.23 -6.67
CA PHE A 169 24.69 -16.03 -5.52
C PHE A 169 24.75 -15.21 -4.21
N ASP A 170 23.59 -15.03 -3.65
CA ASP A 170 23.43 -14.23 -2.47
C ASP A 170 23.18 -15.14 -1.31
N TYR A 171 24.10 -15.16 -0.28
CA TYR A 171 23.87 -15.94 0.94
C TYR A 171 22.71 -15.40 1.81
N LYS A 172 22.39 -14.05 1.72
CA LYS A 172 21.34 -13.41 2.55
C LYS A 172 19.92 -13.44 1.89
N SER A 173 19.82 -14.19 0.76
CA SER A 173 18.59 -14.40 0.05
C SER A 173 17.56 -15.02 0.92
N VAL A 174 16.33 -14.43 0.99
CA VAL A 174 15.21 -14.96 1.76
C VAL A 174 14.69 -16.22 0.99
N MET A 175 15.12 -16.43 -0.28
CA MET A 175 14.78 -17.62 -1.05
C MET A 175 15.80 -18.72 -0.85
N LEU A 176 16.58 -18.71 0.21
CA LEU A 176 17.62 -19.70 0.38
C LEU A 176 17.44 -20.43 1.66
N TYR A 177 17.40 -21.70 1.56
CA TYR A 177 17.24 -22.52 2.77
C TYR A 177 18.49 -22.49 3.63
N GLY A 178 18.32 -22.45 4.96
CA GLY A 178 19.43 -22.49 5.92
C GLY A 178 20.10 -23.85 6.03
N GLU A 179 21.29 -23.93 6.57
CA GLU A 179 22.10 -25.17 6.71
C GLU A 179 21.41 -26.50 7.13
N THR A 180 20.36 -26.50 7.99
CA THR A 180 19.74 -27.76 8.42
C THR A 180 18.38 -28.10 7.70
N ALA A 181 18.12 -27.59 6.43
CA ALA A 181 16.89 -27.91 5.65
C ALA A 181 16.92 -29.34 5.32
N PHE A 182 15.76 -30.07 5.43
CA PHE A 182 15.63 -31.51 5.15
C PHE A 182 16.62 -32.43 5.92
N SER A 183 17.14 -32.00 7.09
CA SER A 183 18.10 -32.79 7.86
C SER A 183 17.52 -34.14 8.36
N LYS A 184 18.35 -35.20 8.35
CA LYS A 184 17.94 -36.52 8.84
C LYS A 184 17.64 -36.52 10.35
N ASP A 185 18.44 -35.80 11.15
CA ASP A 185 18.28 -35.79 12.62
C ASP A 185 17.94 -34.38 13.20
N GLY A 186 17.71 -33.40 12.33
CA GLY A 186 17.35 -32.06 12.75
C GLY A 186 18.53 -31.13 12.98
N THR A 187 19.69 -31.65 13.42
CA THR A 187 20.80 -30.76 13.72
C THR A 187 21.94 -30.90 12.72
N SER A 188 22.10 -32.05 12.06
CA SER A 188 23.20 -32.27 11.12
C SER A 188 23.00 -31.48 9.88
N PRO A 189 24.06 -30.77 9.38
CA PRO A 189 23.86 -29.88 8.22
C PRO A 189 23.77 -30.58 6.87
N THR A 190 22.85 -30.11 6.09
CA THR A 190 22.64 -30.58 4.74
C THR A 190 23.35 -29.66 3.74
N VAL A 191 23.74 -28.45 4.13
CA VAL A 191 24.41 -27.50 3.25
C VAL A 191 25.51 -26.82 4.07
N ARG A 192 26.70 -26.66 3.44
CA ARG A 192 27.83 -26.03 3.98
C ARG A 192 28.26 -24.83 3.10
N PRO A 193 28.26 -23.54 3.60
CA PRO A 193 28.81 -22.41 2.78
C PRO A 193 30.29 -22.54 2.67
N LYS A 194 30.83 -22.51 1.37
CA LYS A 194 32.27 -22.53 0.98
C LYS A 194 33.04 -21.21 1.38
N GLN A 195 32.31 -20.10 1.49
CA GLN A 195 32.89 -18.83 1.87
C GLN A 195 33.23 -18.81 3.34
N PRO A 196 34.53 -18.67 3.68
CA PRO A 196 34.94 -18.58 5.10
C PRO A 196 34.12 -17.58 5.96
N GLY A 197 33.71 -18.07 7.13
CA GLY A 197 33.05 -17.35 8.19
C GLY A 197 31.55 -17.27 8.18
N VAL A 198 30.95 -17.40 6.95
CA VAL A 198 29.55 -17.31 6.57
C VAL A 198 28.67 -18.44 7.12
N VAL A 199 27.50 -18.03 7.65
CA VAL A 199 26.37 -18.80 8.08
C VAL A 199 25.09 -18.20 7.40
N ILE A 200 24.36 -19.05 6.63
CA ILE A 200 23.09 -18.71 5.93
C ILE A 200 22.11 -18.38 7.03
N GLY A 201 21.89 -19.32 7.96
CA GLY A 201 20.91 -19.16 9.03
C GLY A 201 19.50 -19.46 8.57
N PRO A 202 18.49 -19.44 9.48
CA PRO A 202 17.09 -19.70 9.07
C PRO A 202 16.40 -18.51 8.36
N VAL A 203 15.34 -18.79 7.60
CA VAL A 203 14.52 -17.85 6.84
C VAL A 203 13.53 -17.05 7.72
N TRP A 204 12.95 -17.67 8.76
CA TRP A 204 11.95 -17.01 9.63
C TRP A 204 12.47 -15.80 10.36
N LYS A 205 13.81 -15.70 10.55
CA LYS A 205 14.48 -14.60 11.24
C LYS A 205 15.02 -13.52 10.32
N LYS A 206 14.97 -13.75 8.99
CA LYS A 206 15.41 -12.82 7.95
C LYS A 206 14.32 -11.79 7.82
N PRO A 207 14.71 -10.49 7.76
CA PRO A 207 13.71 -9.43 7.89
C PRO A 207 12.99 -9.06 6.59
N GLY A 208 13.22 -9.79 5.53
CA GLY A 208 12.62 -9.49 4.25
C GLY A 208 13.69 -9.66 3.21
N PHE A 209 13.66 -8.77 2.23
CA PHE A 209 14.63 -8.85 1.15
C PHE A 209 16.00 -8.48 1.59
N SER A 210 17.00 -9.16 1.02
CA SER A 210 18.39 -8.73 1.02
C SER A 210 18.56 -7.73 -0.20
N GLU A 211 19.77 -7.24 -0.47
CA GLU A 211 20.00 -6.26 -1.55
C GLU A 211 19.84 -6.96 -2.91
N SER A 212 20.27 -8.22 -3.04
CA SER A 212 20.23 -8.99 -4.28
C SER A 212 18.78 -9.42 -4.61
N ASP A 213 17.97 -9.83 -3.59
CA ASP A 213 16.54 -10.14 -3.79
C ASP A 213 15.80 -8.99 -4.51
N VAL A 214 15.97 -7.75 -4.04
CA VAL A 214 15.38 -6.55 -4.58
C VAL A 214 15.76 -6.38 -6.05
N ARG A 215 17.03 -6.59 -6.38
CA ARG A 215 17.52 -6.47 -7.76
C ARG A 215 16.76 -7.50 -8.67
N ARG A 216 16.67 -8.74 -8.22
CA ARG A 216 15.98 -9.79 -8.96
C ARG A 216 14.50 -9.40 -9.24
N VAL A 217 13.76 -8.95 -8.18
CA VAL A 217 12.39 -8.53 -8.34
C VAL A 217 12.29 -7.36 -9.31
N ASN A 218 13.03 -6.29 -9.09
CA ASN A 218 12.99 -5.13 -9.99
C ASN A 218 13.41 -5.47 -11.46
N ARG A 219 14.30 -6.45 -11.68
CA ARG A 219 14.73 -6.82 -13.03
C ARG A 219 13.65 -7.66 -13.73
N LEU A 220 13.04 -8.61 -13.01
CA LEU A 220 12.01 -9.48 -13.57
C LEU A 220 10.83 -8.68 -14.00
N TYR A 221 10.39 -7.77 -13.14
CA TYR A 221 9.21 -6.95 -13.35
C TYR A 221 9.46 -5.58 -14.01
N GLU A 222 10.67 -5.35 -14.55
CA GLU A 222 11.02 -4.09 -15.21
C GLU A 222 10.76 -2.85 -14.33
N CYS A 223 10.94 -2.97 -13.02
CA CYS A 223 10.82 -1.84 -12.11
C CYS A 223 12.04 -0.93 -12.38
N PHE A 224 11.87 0.39 -12.44
CA PHE A 224 12.99 1.27 -12.82
C PHE A 224 12.77 2.71 -12.51
N GLY A 225 13.84 3.49 -12.59
CA GLY A 225 13.73 4.92 -12.40
C GLY A 225 14.10 5.71 -13.61
N GLU A 226 14.92 5.14 -14.55
CA GLU A 226 15.48 5.87 -15.74
C GLU A 226 14.49 6.75 -16.43
N VAL A 227 14.61 8.01 -16.16
CA VAL A 227 13.75 9.03 -16.70
C VAL A 227 13.84 9.08 -18.24
N ARG A 228 12.67 9.19 -18.90
CA ARG A 228 12.52 9.33 -20.35
C ARG A 228 13.15 10.67 -20.80
N PRO A 229 13.63 10.78 -22.05
CA PRO A 229 14.25 12.04 -22.48
C PRO A 229 13.23 13.18 -22.61
N PRO A 230 13.71 14.46 -22.62
CA PRO A 230 12.77 15.60 -22.72
C PRO A 230 12.07 15.66 -24.07
N PRO A 231 10.84 16.19 -24.10
CA PRO A 231 10.10 16.27 -25.37
C PRO A 231 10.71 17.30 -26.31
N PRO A 232 10.55 17.06 -27.63
CA PRO A 232 11.12 18.00 -28.59
C PRO A 232 10.45 19.36 -28.52
N LYS A 233 11.18 20.39 -28.95
CA LYS A 233 10.68 21.77 -28.98
C LYS A 233 9.42 21.85 -29.87
N ILE A 234 8.54 22.82 -29.59
CA ILE A 234 7.36 23.01 -30.42
C ILE A 234 7.85 23.63 -31.76
N PRO A 235 7.61 22.93 -32.89
CA PRO A 235 8.12 23.45 -34.17
C PRO A 235 7.41 24.73 -34.61
N ASP A 236 8.20 25.81 -34.75
CA ASP A 236 7.72 27.12 -35.18
C ASP A 236 7.37 27.08 -36.65
N PHE A 237 6.17 27.60 -36.97
CA PHE A 237 5.56 27.63 -38.29
C PHE A 237 6.14 28.74 -39.18
N ILE A 238 6.23 28.47 -40.49
CA ILE A 238 6.77 29.39 -41.49
C ILE A 238 6.18 29.06 -42.88
N CYS A 239 5.37 29.97 -43.46
CA CYS A 239 4.76 29.71 -44.76
C CYS A 239 5.56 30.34 -45.91
N ASP A 240 5.53 29.68 -47.08
CA ASP A 240 6.29 30.07 -48.26
C ASP A 240 5.41 30.28 -49.50
N PHE A 241 4.29 29.53 -49.60
CA PHE A 241 3.33 29.56 -50.72
C PHE A 241 3.91 28.97 -52.03
N GLU A 242 5.19 28.51 -52.02
CA GLU A 242 5.95 27.98 -53.17
C GLU A 242 5.53 26.57 -53.63
N SER A 243 4.57 25.97 -52.94
CA SER A 243 4.08 24.62 -53.25
C SER A 243 2.71 24.33 -52.62
N ASN A 244 2.09 25.31 -51.91
CA ASN A 244 0.83 25.04 -51.23
C ASN A 244 0.08 26.33 -50.85
N ASP A 245 -1.18 26.19 -50.41
CA ASP A 245 -2.02 27.31 -49.96
C ASP A 245 -1.71 27.68 -48.48
N CYS A 246 -1.11 26.72 -47.72
CA CYS A 246 -0.75 26.80 -46.29
C CYS A 246 -1.99 26.65 -45.35
N GLY A 247 -3.20 26.71 -45.90
CA GLY A 247 -4.43 26.58 -45.12
C GLY A 247 -5.21 27.88 -44.97
N LEU A 248 -4.61 29.00 -45.41
CA LEU A 248 -5.18 30.32 -45.36
C LEU A 248 -6.25 30.44 -46.44
N GLU A 249 -7.52 30.53 -46.02
CA GLU A 249 -8.69 30.61 -46.90
C GLU A 249 -9.24 32.04 -47.01
N ASN A 250 -10.28 32.25 -47.85
CA ASN A 250 -10.92 33.56 -48.08
C ASN A 250 -12.37 33.58 -47.58
N GLN A 251 -12.88 34.77 -47.23
CA GLN A 251 -14.28 34.90 -46.82
C GLN A 251 -15.18 34.83 -48.08
N VAL A 252 -16.38 34.29 -47.94
CA VAL A 252 -17.22 34.00 -49.08
C VAL A 252 -17.82 35.26 -49.74
N GLY A 253 -18.70 35.98 -49.07
CA GLY A 253 -19.35 37.14 -49.65
C GLY A 253 -18.48 38.37 -49.64
N MET A 254 -17.40 38.36 -50.42
CA MET A 254 -16.50 39.50 -50.50
C MET A 254 -16.38 40.00 -51.96
N ARG A 255 -15.72 41.14 -52.17
CA ARG A 255 -15.59 41.72 -53.50
C ARG A 255 -14.26 41.34 -54.18
N GLY A 256 -13.22 41.10 -53.39
CA GLY A 256 -11.92 40.70 -53.90
C GLY A 256 -11.56 39.27 -53.57
N GLU A 257 -10.64 38.67 -54.35
CA GLU A 257 -10.22 37.29 -54.13
C GLU A 257 -8.71 37.20 -53.96
N PHE A 258 -8.24 37.04 -52.72
CA PHE A 258 -6.81 36.91 -52.43
C PHE A 258 -6.30 35.59 -53.01
N GLN A 259 -5.50 35.64 -54.09
CA GLN A 259 -5.05 34.41 -54.74
C GLN A 259 -3.56 34.11 -54.60
N ARG A 260 -3.24 32.78 -54.46
CA ARG A 260 -1.88 32.25 -54.38
C ARG A 260 -1.22 32.53 -55.70
N LYS A 261 -0.26 33.48 -55.72
CA LYS A 261 0.33 33.90 -56.98
C LYS A 261 1.86 34.01 -56.98
N TYR A 262 2.48 33.58 -58.11
CA TYR A 262 3.92 33.69 -58.40
C TYR A 262 4.12 34.89 -59.33
N ASP A 263 4.92 35.87 -58.93
CA ASP A 263 5.19 37.08 -59.71
C ASP A 263 6.43 37.80 -59.07
N THR A 264 6.58 39.11 -59.32
CA THR A 264 7.63 39.94 -58.76
C THR A 264 6.98 41.18 -58.15
N LEU A 265 7.40 41.62 -56.96
CA LEU A 265 6.83 42.81 -56.34
C LEU A 265 7.79 43.43 -55.33
N GLY A 266 8.23 44.65 -55.62
CA GLY A 266 9.10 45.42 -54.75
C GLY A 266 10.38 44.76 -54.29
N GLY A 267 11.10 44.16 -55.23
CA GLY A 267 12.39 43.53 -54.96
C GLY A 267 12.41 42.02 -55.03
N ARG A 268 11.41 41.35 -54.44
CA ARG A 268 11.36 39.89 -54.42
C ARG A 268 10.64 39.33 -55.65
N THR A 269 10.98 38.07 -55.99
CA THR A 269 10.47 37.35 -57.16
C THR A 269 10.15 35.90 -56.79
N GLY A 270 8.98 35.70 -56.19
CA GLY A 270 8.52 34.40 -55.76
C GLY A 270 7.03 34.31 -55.51
N TYR A 271 6.62 33.31 -54.74
CA TYR A 271 5.21 33.11 -54.43
C TYR A 271 4.81 33.95 -53.22
N PHE A 272 3.71 34.72 -53.34
CA PHE A 272 3.12 35.55 -52.28
C PHE A 272 1.62 35.69 -52.55
N MET A 273 0.81 35.94 -51.51
CA MET A 273 -0.64 36.17 -51.70
C MET A 273 -0.84 37.51 -52.34
N VAL A 274 -1.47 37.58 -53.53
CA VAL A 274 -1.66 38.88 -54.19
C VAL A 274 -3.14 39.21 -54.50
N LEU A 275 -3.56 40.42 -54.13
CA LEU A 275 -4.88 41.03 -54.38
C LEU A 275 -4.62 42.29 -55.18
N SER A 276 -5.01 42.34 -56.47
CA SER A 276 -4.70 43.51 -57.30
C SER A 276 -5.89 44.03 -58.15
N VAL A 277 -5.89 45.35 -58.46
CA VAL A 277 -6.96 45.93 -59.26
C VAL A 277 -6.40 46.79 -60.36
N THR A 278 -7.16 46.91 -61.44
CA THR A 278 -6.83 47.83 -62.52
C THR A 278 -7.85 49.00 -62.46
N SER A 279 -7.51 50.15 -63.05
CA SER A 279 -8.36 51.34 -63.11
C SER A 279 -9.76 51.00 -63.64
N SER A 280 -9.81 50.13 -64.67
CA SER A 280 -11.01 49.67 -65.34
C SER A 280 -11.89 48.75 -64.46
N GLY A 281 -11.28 48.06 -63.49
CA GLY A 281 -11.94 47.10 -62.62
C GLY A 281 -12.90 47.66 -61.58
N THR A 282 -13.36 46.83 -60.63
CA THR A 282 -14.29 47.28 -59.60
C THR A 282 -13.71 47.10 -58.17
N TYR A 283 -14.34 47.76 -57.16
CA TYR A 283 -13.91 47.74 -55.76
C TYR A 283 -13.68 46.32 -55.27
N ALA A 284 -12.54 46.11 -54.60
CA ALA A 284 -12.17 44.80 -54.13
C ALA A 284 -11.68 44.82 -52.68
N ASP A 285 -12.43 44.15 -51.77
CA ASP A 285 -11.97 43.96 -50.42
C ASP A 285 -11.86 42.44 -50.14
N SER A 286 -10.83 41.99 -49.41
CA SER A 286 -10.66 40.55 -49.15
C SER A 286 -10.13 40.27 -47.74
N ARG A 287 -10.60 39.17 -47.14
CA ARG A 287 -10.16 38.81 -45.80
C ARG A 287 -9.49 37.47 -45.81
N LEU A 288 -8.14 37.45 -45.75
CA LEU A 288 -7.34 36.22 -45.67
C LEU A 288 -7.49 35.63 -44.28
N ILE A 289 -8.21 34.51 -44.14
CA ILE A 289 -8.37 33.86 -42.84
C ILE A 289 -7.28 32.79 -42.65
N THR A 290 -6.33 33.05 -41.76
CA THR A 290 -5.22 32.16 -41.47
C THR A 290 -5.69 30.95 -40.61
N PRO A 291 -4.99 29.80 -40.67
CA PRO A 291 -5.43 28.64 -39.88
C PRO A 291 -5.35 28.85 -38.35
N TYR A 292 -5.77 27.84 -37.57
CA TYR A 292 -5.78 27.94 -36.12
C TYR A 292 -4.47 27.36 -35.51
N PHE A 293 -3.74 28.18 -34.74
CA PHE A 293 -2.50 27.73 -34.11
C PHE A 293 -2.60 27.72 -32.57
N GLY A 294 -2.13 26.62 -31.98
CA GLY A 294 -2.10 26.45 -30.52
C GLY A 294 -0.79 26.96 -29.95
N ALA A 295 -0.80 27.38 -28.67
CA ALA A 295 0.42 27.86 -28.00
C ALA A 295 1.11 26.73 -27.20
N TYR A 296 0.36 25.66 -26.84
CA TYR A 296 0.80 24.44 -26.16
C TYR A 296 1.17 24.70 -24.71
N GLY A 297 1.91 25.77 -24.47
CA GLY A 297 2.34 26.18 -23.15
C GLY A 297 2.03 27.64 -22.90
N ASN A 298 1.88 27.95 -21.58
CA ASN A 298 1.63 29.27 -20.99
C ASN A 298 2.78 30.21 -21.35
N GLN A 299 2.71 30.85 -22.53
CA GLN A 299 3.79 31.69 -22.97
C GLN A 299 3.30 32.71 -23.99
N ASP A 300 4.01 33.85 -24.09
CA ASP A 300 3.63 34.89 -25.02
C ASP A 300 4.18 34.57 -26.40
N VAL A 301 3.29 34.44 -27.39
CA VAL A 301 3.65 34.12 -28.77
C VAL A 301 4.26 35.38 -29.50
N CYS A 302 4.40 35.33 -30.86
CA CYS A 302 4.92 36.35 -31.76
C CYS A 302 4.53 35.93 -33.18
N MET A 303 3.87 36.83 -33.94
CA MET A 303 3.47 36.55 -35.32
C MET A 303 4.19 37.48 -36.29
N SER A 304 4.87 36.92 -37.32
CA SER A 304 5.50 37.78 -38.35
C SER A 304 4.76 37.66 -39.68
N VAL A 305 4.74 38.73 -40.47
CA VAL A 305 4.13 38.72 -41.81
C VAL A 305 4.71 39.89 -42.61
N ASP A 306 5.35 39.59 -43.76
CA ASP A 306 5.87 40.64 -44.64
C ASP A 306 4.69 41.17 -45.46
N VAL A 307 4.42 42.47 -45.40
CA VAL A 307 3.26 43.03 -46.12
C VAL A 307 3.67 44.00 -47.23
N TYR A 308 3.17 43.76 -48.44
CA TYR A 308 3.45 44.64 -49.56
C TYR A 308 2.20 45.46 -49.87
N MET A 309 2.36 46.79 -50.06
CA MET A 309 1.27 47.72 -50.38
C MET A 309 1.76 48.72 -51.39
N SER A 310 1.14 48.77 -52.57
CA SER A 310 1.55 49.71 -53.60
C SER A 310 0.36 50.19 -54.43
N GLY A 311 0.40 51.43 -54.86
CA GLY A 311 -0.64 51.98 -55.73
C GLY A 311 -1.67 52.81 -54.99
N PRO A 312 -2.21 53.87 -55.63
CA PRO A 312 -3.19 54.73 -54.94
C PRO A 312 -4.48 53.98 -54.57
N ALA A 313 -4.80 52.90 -55.28
CA ALA A 313 -5.98 52.12 -55.01
C ALA A 313 -5.94 51.47 -53.63
N VAL A 314 -4.77 51.34 -52.99
CA VAL A 314 -4.70 50.76 -51.65
C VAL A 314 -5.25 51.71 -50.60
N ARG A 315 -6.44 51.40 -50.13
CA ARG A 315 -7.12 52.24 -49.16
C ARG A 315 -6.83 51.85 -47.72
N ASP A 316 -6.75 50.54 -47.41
CA ASP A 316 -6.58 50.11 -46.05
C ASP A 316 -6.20 48.63 -45.96
N VAL A 317 -5.31 48.29 -45.04
CA VAL A 317 -4.83 46.93 -44.81
C VAL A 317 -4.85 46.72 -43.31
N GLU A 318 -5.68 45.77 -42.80
CA GLU A 318 -5.80 45.53 -41.36
C GLU A 318 -5.53 44.09 -40.98
N ILE A 319 -4.69 43.89 -39.94
CA ILE A 319 -4.34 42.60 -39.37
C ILE A 319 -4.96 42.51 -37.99
N SER A 320 -5.69 41.42 -37.70
CA SER A 320 -6.28 41.27 -36.38
C SER A 320 -6.07 39.82 -35.81
N ARG A 321 -5.88 39.74 -34.49
CA ARG A 321 -5.73 38.47 -33.80
C ARG A 321 -7.04 38.12 -33.12
N GLN A 322 -7.59 36.94 -33.41
CA GLN A 322 -8.84 36.53 -32.78
C GLN A 322 -8.60 35.33 -31.92
N ASP A 323 -9.17 35.36 -30.73
CA ASP A 323 -9.10 34.25 -29.79
C ASP A 323 -10.59 34.01 -29.35
N SER A 324 -11.07 34.66 -28.27
CA SER A 324 -12.49 34.59 -27.90
C SER A 324 -13.24 35.85 -28.42
N ASN A 325 -12.51 36.94 -28.67
CA ASN A 325 -13.01 38.16 -29.28
C ASN A 325 -11.95 38.66 -30.27
N THR A 326 -12.37 39.21 -31.41
CA THR A 326 -11.41 39.70 -32.40
C THR A 326 -10.78 41.00 -31.91
N GLU A 327 -9.45 41.05 -31.89
CA GLU A 327 -8.68 42.21 -31.44
C GLU A 327 -7.81 42.72 -32.57
N SER A 328 -7.88 44.03 -32.87
CA SER A 328 -7.02 44.56 -33.93
C SER A 328 -5.64 44.88 -33.35
N ILE A 329 -4.61 44.35 -33.99
CA ILE A 329 -3.23 44.58 -33.59
C ILE A 329 -2.55 45.60 -34.54
N GLY A 330 -2.95 45.63 -35.81
CA GLY A 330 -2.35 46.55 -36.77
C GLY A 330 -3.29 47.09 -37.82
N LYS A 331 -3.15 48.39 -38.13
CA LYS A 331 -3.94 49.07 -39.14
C LYS A 331 -3.01 49.93 -39.98
N TYR A 332 -2.89 49.64 -41.26
CA TYR A 332 -1.97 50.37 -42.13
C TYR A 332 -2.70 51.16 -43.21
N THR A 333 -2.90 52.45 -42.99
CA THR A 333 -3.59 53.29 -43.96
C THR A 333 -2.62 53.87 -45.00
N GLU A 334 -1.39 54.21 -44.59
CA GLU A 334 -0.39 54.77 -45.50
C GLU A 334 0.23 53.69 -46.37
N VAL A 335 0.26 53.89 -47.68
CA VAL A 335 0.86 52.95 -48.61
C VAL A 335 2.35 53.03 -48.49
N SER A 336 3.02 51.94 -48.09
CA SER A 336 4.46 51.99 -47.90
C SER A 336 5.25 52.03 -49.22
N ASN A 337 4.67 51.51 -50.33
CA ASN A 337 5.33 51.36 -51.63
C ASN A 337 6.60 50.50 -51.47
N SER A 338 6.52 49.47 -50.60
CA SER A 338 7.60 48.54 -50.25
C SER A 338 7.06 47.35 -49.40
N TRP A 339 7.94 46.36 -49.14
CA TRP A 339 7.66 45.22 -48.28
C TRP A 339 7.96 45.60 -46.84
N VAL A 340 7.05 45.37 -45.90
CA VAL A 340 7.35 45.69 -44.49
C VAL A 340 6.94 44.55 -43.56
N THR A 341 7.93 43.99 -42.84
CA THR A 341 7.73 42.89 -41.91
C THR A 341 7.06 43.44 -40.67
N ARG A 342 5.80 43.06 -40.48
CA ARG A 342 5.01 43.51 -39.35
C ARG A 342 5.23 42.54 -38.21
N ASN A 343 5.65 43.04 -37.05
CA ASN A 343 5.96 42.17 -35.91
C ASN A 343 4.99 42.40 -34.76
N PHE A 344 4.12 41.41 -34.49
CA PHE A 344 3.14 41.55 -33.44
C PHE A 344 3.45 40.60 -32.30
N ASN A 345 3.75 41.14 -31.11
CA ASN A 345 3.93 40.29 -29.92
C ASN A 345 2.56 40.17 -29.24
N LEU A 346 2.15 38.96 -28.84
CA LEU A 346 0.82 38.75 -28.27
C LEU A 346 0.88 37.86 -27.03
N LYS A 347 -0.15 37.98 -26.16
CA LYS A 347 -0.29 37.17 -24.94
C LYS A 347 -1.24 35.99 -25.23
N ALA A 348 -1.20 34.92 -24.39
CA ALA A 348 -2.04 33.75 -24.62
C ALA A 348 -2.85 33.32 -23.40
N GLY A 349 -4.17 33.39 -23.52
CA GLY A 349 -5.07 33.02 -22.44
C GLY A 349 -5.09 31.52 -22.21
N ARG A 350 -5.42 30.76 -23.28
CA ARG A 350 -5.49 29.28 -23.33
C ARG A 350 -6.27 28.79 -24.58
N GLU A 351 -6.45 29.64 -25.65
CA GLU A 351 -7.18 29.14 -26.83
C GLU A 351 -6.45 29.45 -28.13
N ASP A 352 -6.70 28.64 -29.17
CA ASP A 352 -6.04 28.76 -30.48
C ASP A 352 -6.29 30.09 -31.16
N MET A 353 -5.23 30.60 -31.78
CA MET A 353 -5.28 31.86 -32.50
C MET A 353 -5.31 31.66 -33.98
N ARG A 354 -6.17 32.38 -34.65
CA ARG A 354 -6.16 32.48 -36.10
C ARG A 354 -5.96 33.96 -36.42
N PHE A 355 -5.54 34.27 -37.63
CA PHE A 355 -5.27 35.64 -38.01
C PHE A 355 -6.08 36.06 -39.19
N PHE A 356 -6.41 37.34 -39.24
CA PHE A 356 -7.17 37.90 -40.35
C PHE A 356 -6.36 38.94 -41.06
N ILE A 357 -6.27 38.86 -42.39
CA ILE A 357 -5.57 39.89 -43.17
C ILE A 357 -6.58 40.53 -44.10
N PHE A 358 -7.05 41.71 -43.75
CA PHE A 358 -8.02 42.43 -44.58
C PHE A 358 -7.33 43.45 -45.46
N ALA A 359 -7.82 43.64 -46.69
CA ALA A 359 -7.28 44.65 -47.61
C ALA A 359 -8.40 45.25 -48.47
N ALA A 360 -8.44 46.58 -48.62
CA ALA A 360 -9.43 47.26 -49.43
C ALA A 360 -8.73 48.01 -50.58
N LEU A 361 -9.24 47.84 -51.82
CA LEU A 361 -8.68 48.42 -53.04
C LEU A 361 -9.76 49.10 -53.84
N ASP A 362 -9.63 50.40 -54.09
CA ASP A 362 -10.58 51.15 -54.87
C ASP A 362 -9.93 51.66 -56.19
N PRO A 363 -10.17 50.96 -57.30
CA PRO A 363 -9.62 51.40 -58.59
C PRO A 363 -9.99 52.84 -59.02
N TYR A 364 -10.87 53.48 -58.28
CA TYR A 364 -11.26 54.86 -58.50
C TYR A 364 -10.06 55.78 -58.42
N TYR A 365 -9.11 55.48 -57.52
CA TYR A 365 -7.95 56.31 -57.30
C TYR A 365 -6.73 55.89 -58.11
N GLY A 366 -6.72 54.67 -58.65
CA GLY A 366 -5.65 54.16 -59.49
C GLY A 366 -5.53 52.65 -59.45
N ASP A 367 -4.36 52.14 -59.82
CA ASP A 367 -4.08 50.71 -59.75
C ASP A 367 -3.53 50.43 -58.33
N GLY A 368 -3.61 49.19 -57.88
CA GLY A 368 -3.15 48.86 -56.54
C GLY A 368 -2.92 47.40 -56.31
N VAL A 369 -1.94 47.08 -55.45
CA VAL A 369 -1.54 45.72 -55.10
C VAL A 369 -1.34 45.63 -53.62
N VAL A 370 -1.88 44.57 -53.04
CA VAL A 370 -1.60 44.23 -51.66
C VAL A 370 -1.06 42.81 -51.66
N ALA A 371 0.23 42.63 -51.35
CA ALA A 371 0.81 41.28 -51.29
C ALA A 371 1.14 40.87 -49.86
N VAL A 372 1.16 39.56 -49.60
CA VAL A 372 1.46 39.02 -48.27
C VAL A 372 2.51 37.91 -48.42
N ASP A 373 3.58 37.95 -47.61
CA ASP A 373 4.63 36.94 -47.64
C ASP A 373 5.11 36.53 -46.20
N ASN A 374 6.09 35.57 -46.12
CA ASN A 374 6.74 34.98 -44.94
C ASN A 374 5.87 35.06 -43.67
N LEU A 375 4.79 34.26 -43.61
CA LEU A 375 3.88 34.24 -42.47
C LEU A 375 4.40 33.24 -41.43
N LYS A 376 4.91 33.76 -40.31
CA LYS A 376 5.50 32.91 -39.29
C LYS A 376 4.71 32.94 -37.96
N PHE A 377 4.87 31.90 -37.14
CA PHE A 377 4.21 31.84 -35.83
C PHE A 377 5.14 31.20 -34.82
N LYS A 378 5.72 32.02 -33.94
CA LYS A 378 6.66 31.53 -32.92
C LYS A 378 6.05 31.69 -31.55
N ARG A 379 6.16 30.65 -30.70
CA ARG A 379 5.60 30.62 -29.35
C ARG A 379 6.62 31.21 -28.33
N LYS A 380 7.19 32.38 -28.68
CA LYS A 380 8.18 33.06 -27.84
C LYS A 380 8.14 34.58 -28.08
N PRO A 381 8.36 35.38 -27.01
CA PRO A 381 8.34 36.86 -27.14
C PRO A 381 9.11 37.42 -28.33
N CYS A 382 8.38 38.11 -29.21
CA CYS A 382 8.85 38.74 -30.44
C CYS A 382 10.07 39.65 -30.19
N GLU B 1 -4.19 9.23 22.82
CA GLU B 1 -5.26 9.23 23.81
C GLU B 1 -6.10 7.87 23.81
N ASN B 2 -7.23 7.76 23.08
CA ASN B 2 -8.11 6.58 23.16
C ASN B 2 -7.93 5.45 22.12
N LEU B 3 -7.37 5.75 20.95
CA LEU B 3 -7.10 4.81 19.85
C LEU B 3 -6.18 3.61 20.24
N GLY B 4 -5.41 3.79 21.29
CA GLY B 4 -4.53 2.72 21.79
C GLY B 4 -5.29 1.58 22.45
N ASP B 5 -6.58 1.80 22.84
CA ASP B 5 -7.45 0.80 23.50
C ASP B 5 -8.37 0.09 22.53
N LEU B 6 -8.38 0.51 21.26
CA LEU B 6 -9.14 -0.10 20.21
C LEU B 6 -8.93 -1.63 20.12
N PRO B 7 -7.72 -2.26 20.30
CA PRO B 7 -7.64 -3.73 20.19
C PRO B 7 -8.43 -4.50 21.28
N LEU B 8 -9.07 -3.76 22.21
CA LEU B 8 -9.85 -4.28 23.34
C LEU B 8 -11.29 -4.37 23.04
N TYR B 9 -11.78 -3.86 21.89
CA TYR B 9 -13.22 -3.87 21.65
C TYR B 9 -13.62 -4.80 20.47
N HIS B 10 -13.39 -6.16 20.53
CA HIS B 10 -13.83 -7.04 19.42
C HIS B 10 -15.37 -7.16 19.39
N SER B 11 -15.93 -7.27 18.17
CA SER B 11 -17.39 -7.32 17.98
C SER B 11 -17.98 -8.64 18.41
N ASN B 12 -17.25 -9.75 18.17
CA ASN B 12 -17.79 -11.07 18.46
C ASN B 12 -17.46 -11.55 19.87
N LEU B 13 -16.88 -10.68 20.72
CA LEU B 13 -16.50 -11.08 22.07
C LEU B 13 -17.28 -10.31 23.12
N PHE B 14 -17.66 -11.04 24.20
CA PHE B 14 -18.28 -10.47 25.39
C PHE B 14 -17.39 -9.33 25.96
N GLU B 15 -17.93 -8.13 26.22
CA GLU B 15 -17.26 -6.93 26.78
C GLU B 15 -15.93 -6.55 26.04
N GLY B 16 -15.88 -6.82 24.78
CA GLY B 16 -14.76 -6.56 23.90
C GLY B 16 -13.68 -7.62 23.88
N ASP B 17 -13.34 -8.14 25.05
CA ASP B 17 -12.12 -8.89 25.18
C ASP B 17 -12.20 -10.11 26.04
N ILE B 18 -13.44 -10.56 26.32
CA ILE B 18 -13.64 -11.71 27.13
C ILE B 18 -14.23 -12.78 26.18
N ALA B 19 -13.37 -13.78 25.93
CA ALA B 19 -13.57 -14.92 25.12
C ALA B 19 -14.26 -15.99 25.97
N GLY B 20 -14.83 -17.02 25.31
CA GLY B 20 -15.52 -18.18 25.90
C GLY B 20 -16.85 -17.89 26.52
N VAL B 21 -17.22 -16.64 26.50
CA VAL B 21 -18.50 -16.19 27.01
C VAL B 21 -19.37 -15.88 25.79
N SER B 22 -20.65 -16.02 26.00
CA SER B 22 -21.68 -15.75 25.03
C SER B 22 -21.98 -14.25 25.13
N PRO B 23 -22.08 -13.55 23.99
CA PRO B 23 -22.26 -12.08 24.02
C PRO B 23 -23.39 -11.55 24.87
N TYR B 24 -24.52 -12.25 24.99
CA TYR B 24 -25.60 -11.77 25.85
C TYR B 24 -25.83 -12.64 27.08
N ALA B 25 -24.77 -13.25 27.59
CA ALA B 25 -24.72 -14.11 28.79
C ALA B 25 -25.01 -13.40 30.13
N ASP B 26 -25.70 -14.12 31.11
CA ASP B 26 -26.06 -13.61 32.47
C ASP B 26 -24.80 -13.35 33.26
N LYS B 27 -24.58 -12.09 33.52
CA LYS B 27 -23.39 -11.49 34.15
C LYS B 27 -23.18 -11.92 35.62
N ASN B 28 -24.25 -12.15 36.35
CA ASN B 28 -24.17 -12.68 37.72
C ASN B 28 -23.63 -14.13 37.66
N ALA B 29 -24.25 -15.01 36.83
CA ALA B 29 -23.88 -16.41 36.60
C ALA B 29 -22.47 -16.66 36.10
N ILE B 30 -21.95 -15.94 35.06
CA ILE B 30 -20.57 -16.20 34.58
C ILE B 30 -19.53 -15.87 35.63
N VAL B 31 -19.77 -14.85 36.45
CA VAL B 31 -18.83 -14.44 37.47
C VAL B 31 -18.79 -15.42 38.65
N ASP B 32 -19.95 -16.03 38.99
CA ASP B 32 -20.03 -17.07 40.04
C ASP B 32 -19.42 -18.41 39.56
N HIS B 33 -19.34 -18.64 38.24
CA HIS B 33 -18.74 -19.86 37.72
C HIS B 33 -17.22 -19.66 37.34
N THR B 34 -16.58 -18.57 37.80
CA THR B 34 -15.16 -18.35 37.50
C THR B 34 -14.31 -19.23 38.43
N LEU B 35 -13.31 -19.95 37.84
CA LEU B 35 -12.35 -20.86 38.49
C LEU B 35 -10.98 -20.15 38.67
N LEU B 36 -10.24 -20.50 39.73
CA LEU B 36 -8.94 -19.87 39.97
C LEU B 36 -7.81 -20.86 39.77
N TRP B 37 -6.61 -20.34 39.58
CA TRP B 37 -5.44 -21.17 39.38
C TRP B 37 -5.03 -21.75 40.73
N PRO B 38 -4.98 -23.09 40.86
CA PRO B 38 -4.62 -23.68 42.16
C PRO B 38 -3.24 -23.25 42.57
N GLY B 39 -3.17 -22.66 43.76
CA GLY B 39 -1.92 -22.17 44.35
C GLY B 39 -1.39 -20.87 43.80
N GLY B 40 -2.20 -20.20 42.99
CA GLY B 40 -1.79 -18.97 42.33
C GLY B 40 -0.78 -19.21 41.22
N ILE B 41 -0.63 -20.46 40.77
CA ILE B 41 0.31 -20.80 39.72
C ILE B 41 -0.41 -20.82 38.39
N VAL B 42 -0.07 -19.86 37.56
CA VAL B 42 -0.60 -19.78 36.22
C VAL B 42 0.47 -20.32 35.26
N TYR B 43 0.18 -21.46 34.63
CA TYR B 43 1.10 -22.02 33.65
C TYR B 43 0.81 -21.43 32.29
N TYR B 44 1.83 -21.26 31.44
CA TYR B 44 1.63 -20.67 30.13
C TYR B 44 2.64 -21.14 29.11
N GLU B 45 2.35 -20.89 27.83
CA GLU B 45 3.30 -21.09 26.74
C GLU B 45 2.99 -20.06 25.65
N LEU B 46 3.97 -19.78 24.82
CA LEU B 46 3.82 -18.84 23.74
C LEU B 46 3.77 -19.47 22.45
N ALA B 47 2.85 -19.07 21.62
CA ALA B 47 2.79 -19.53 20.25
C ALA B 47 3.93 -18.83 19.49
N PRO B 48 4.34 -19.34 18.29
CA PRO B 48 5.47 -18.68 17.60
C PRO B 48 5.26 -17.14 17.39
N ALA B 49 4.01 -16.71 17.17
CA ALA B 49 3.66 -15.31 17.01
C ALA B 49 3.86 -14.51 18.29
N ALA B 50 3.71 -15.13 19.46
CA ALA B 50 3.86 -14.39 20.71
C ALA B 50 5.32 -14.23 21.12
N ALA B 51 6.25 -15.08 20.57
CA ALA B 51 7.71 -15.05 20.82
C ALA B 51 8.32 -13.70 20.45
N SER B 52 7.82 -13.12 19.33
CA SER B 52 8.16 -11.82 18.73
C SER B 52 8.05 -10.63 19.71
N ILE B 53 7.27 -10.75 20.82
CA ILE B 53 7.01 -9.75 21.88
C ILE B 53 7.15 -10.36 23.32
N ARG B 54 8.01 -11.39 23.54
CA ARG B 54 8.19 -12.11 24.82
C ARG B 54 8.50 -11.16 26.00
N ASN B 55 9.23 -10.12 25.70
CA ASN B 55 9.72 -9.18 26.66
C ASN B 55 8.63 -8.33 27.22
N GLN B 56 7.65 -7.93 26.39
CA GLN B 56 6.51 -7.12 26.82
C GLN B 56 5.51 -7.97 27.64
N ILE B 57 5.41 -9.29 27.36
CA ILE B 57 4.58 -10.24 28.09
C ILE B 57 5.21 -10.60 29.45
N LEU B 58 6.55 -10.66 29.51
CA LEU B 58 7.25 -10.91 30.78
C LEU B 58 7.24 -9.65 31.68
N GLU B 59 7.04 -8.45 31.10
CA GLU B 59 7.00 -7.16 31.81
C GLU B 59 5.67 -7.02 32.59
N GLY B 60 4.60 -7.48 31.98
CA GLY B 60 3.26 -7.54 32.58
C GLY B 60 3.18 -8.60 33.67
N MET B 61 3.88 -9.73 33.46
CA MET B 61 4.01 -10.82 34.43
C MET B 61 4.86 -10.37 35.61
N LYS B 62 5.84 -9.47 35.40
CA LYS B 62 6.67 -8.87 36.44
C LYS B 62 5.80 -8.05 37.42
N GLU B 63 4.71 -7.45 36.94
CA GLU B 63 3.72 -6.72 37.74
C GLU B 63 3.08 -7.64 38.77
N TYR B 64 2.57 -8.82 38.34
CA TYR B 64 1.98 -9.87 39.16
C TYR B 64 3.02 -10.39 40.16
N HIS B 65 4.26 -10.62 39.75
CA HIS B 65 5.27 -11.20 40.63
C HIS B 65 5.73 -10.28 41.72
N GLU B 66 5.87 -9.00 41.43
CA GLU B 66 6.39 -8.04 42.39
C GLU B 66 5.40 -7.63 43.47
N LYS B 67 4.09 -7.65 43.14
CA LYS B 67 3.06 -7.19 44.09
C LYS B 67 2.09 -8.28 44.62
N THR B 68 2.06 -9.46 44.02
CA THR B 68 1.11 -10.51 44.46
C THR B 68 1.82 -11.91 44.62
N CYS B 69 1.04 -12.93 45.03
CA CYS B 69 1.56 -14.30 45.14
C CYS B 69 1.13 -15.15 43.88
N ILE B 70 0.83 -14.48 42.75
CA ILE B 70 0.56 -15.13 41.49
C ILE B 70 1.90 -15.44 40.85
N GLN B 71 2.11 -16.69 40.43
CA GLN B 71 3.37 -17.06 39.80
C GLN B 71 3.14 -17.55 38.40
N PHE B 72 3.83 -16.94 37.44
CA PHE B 72 3.72 -17.33 36.05
C PHE B 72 4.85 -18.29 35.75
N LYS B 73 4.51 -19.55 35.47
CA LYS B 73 5.48 -20.58 35.15
C LYS B 73 5.23 -21.11 33.74
N GLU B 74 6.29 -21.34 32.96
CA GLU B 74 6.17 -21.95 31.64
C GLU B 74 5.73 -23.38 31.80
N ARG B 75 4.85 -23.83 30.90
CA ARG B 75 4.28 -25.17 30.88
C ARG B 75 5.33 -26.28 30.74
N THR B 76 5.46 -27.12 31.76
CA THR B 76 6.38 -28.24 31.73
C THR B 76 5.60 -29.58 31.55
N ALA B 77 6.29 -30.72 31.46
CA ALA B 77 5.67 -32.01 31.26
C ALA B 77 4.62 -32.33 32.33
N GLY B 78 3.46 -32.79 31.89
CA GLY B 78 2.40 -33.20 32.80
C GLY B 78 1.38 -32.15 33.16
N VAL B 79 1.67 -30.88 32.83
CA VAL B 79 0.74 -29.80 33.11
C VAL B 79 -0.42 -29.87 32.09
N LYS B 80 -1.68 -29.93 32.58
CA LYS B 80 -2.81 -30.02 31.67
C LYS B 80 -3.48 -28.69 31.44
N ASP B 81 -3.51 -27.82 32.47
CA ASP B 81 -4.15 -26.52 32.40
C ASP B 81 -3.11 -25.43 32.23
N TYR B 82 -3.17 -24.71 31.09
CA TYR B 82 -2.24 -23.64 30.79
C TYR B 82 -2.79 -22.72 29.70
N ILE B 83 -2.32 -21.47 29.70
CA ILE B 83 -2.66 -20.45 28.72
C ILE B 83 -1.70 -20.44 27.52
N ARG B 84 -2.17 -20.79 26.29
CA ARG B 84 -1.32 -20.60 25.13
C ARG B 84 -1.58 -19.18 24.54
N ILE B 85 -0.55 -18.29 24.67
CA ILE B 85 -0.56 -16.90 24.20
C ILE B 85 -0.21 -16.84 22.71
N ASN B 86 -0.95 -16.07 21.99
CA ASN B 86 -0.86 -15.90 20.56
C ASN B 86 -1.23 -14.47 20.18
N ARG B 87 -1.06 -14.11 18.91
CA ARG B 87 -1.34 -12.77 18.45
C ARG B 87 -2.36 -12.81 17.40
N TYR B 88 -3.61 -12.67 17.82
CA TYR B 88 -4.79 -12.62 16.96
C TYR B 88 -5.26 -11.13 16.78
N ASP B 89 -6.48 -10.88 16.39
CA ASP B 89 -7.02 -9.52 16.25
C ASP B 89 -7.47 -8.97 17.63
N GLY B 90 -6.57 -8.35 18.36
CA GLY B 90 -6.86 -7.68 19.63
C GLY B 90 -6.25 -8.24 20.88
N CYS B 91 -6.57 -7.65 22.02
CA CYS B 91 -6.15 -8.14 23.34
C CYS B 91 -7.34 -8.74 23.92
N TRP B 92 -7.26 -9.95 24.33
CA TRP B 92 -8.43 -10.64 24.87
C TRP B 92 -8.04 -11.87 25.70
N SER B 93 -8.99 -12.45 26.44
CA SER B 93 -8.68 -13.56 27.30
C SER B 93 -9.89 -14.15 27.94
N MET B 94 -9.79 -15.47 28.19
CA MET B 94 -10.76 -16.21 28.96
C MET B 94 -10.73 -15.68 30.41
N VAL B 95 -11.86 -15.78 31.15
CA VAL B 95 -11.84 -15.28 32.52
C VAL B 95 -11.76 -16.43 33.48
N GLY B 96 -10.56 -16.72 33.93
CA GLY B 96 -10.29 -17.76 34.90
C GLY B 96 -9.57 -18.94 34.30
N ARG B 97 -9.39 -19.98 35.08
CA ARG B 97 -8.91 -21.24 34.62
C ARG B 97 -10.09 -21.95 33.95
N GLN B 98 -9.84 -22.49 32.76
CA GLN B 98 -10.88 -23.14 32.00
C GLN B 98 -10.78 -24.66 31.99
N GLY B 99 -9.58 -25.19 32.18
CA GLY B 99 -9.37 -26.64 32.09
C GLY B 99 -8.80 -26.95 30.72
N GLY B 100 -7.59 -27.49 30.70
CA GLY B 100 -6.89 -27.72 29.46
C GLY B 100 -6.26 -26.43 28.96
N MET B 101 -5.84 -26.44 27.71
CA MET B 101 -5.23 -25.26 27.09
C MET B 101 -6.28 -24.18 26.87
N GLN B 102 -5.98 -22.94 27.30
CA GLN B 102 -6.93 -21.84 27.03
C GLN B 102 -6.18 -20.74 26.29
N GLU B 103 -6.89 -20.02 25.42
CA GLU B 103 -6.28 -18.99 24.62
C GLU B 103 -6.32 -17.56 25.26
N LEU B 104 -5.31 -16.77 24.92
CA LEU B 104 -5.18 -15.38 25.35
C LEU B 104 -4.44 -14.71 24.22
N SER B 105 -5.07 -13.73 23.64
CA SER B 105 -4.50 -13.05 22.48
C SER B 105 -3.99 -11.66 22.87
N LEU B 106 -2.72 -11.39 22.58
CA LEU B 106 -2.10 -10.10 22.67
C LEU B 106 -1.74 -9.69 21.21
N GLY B 107 -2.70 -9.25 20.42
CA GLY B 107 -2.50 -8.97 18.99
C GLY B 107 -1.63 -7.78 18.68
N TYR B 108 -1.86 -7.13 17.54
CA TYR B 108 -1.15 -5.92 17.11
C TYR B 108 -1.63 -4.67 17.93
N GLY B 109 -0.79 -4.21 18.83
CA GLY B 109 -1.12 -3.05 19.66
C GLY B 109 -1.32 -3.39 21.12
N CYS B 110 -1.23 -4.66 21.47
CA CYS B 110 -1.39 -5.12 22.84
C CYS B 110 -0.08 -5.34 23.53
N GLU B 111 0.99 -4.70 23.09
CA GLU B 111 2.31 -4.86 23.69
C GLU B 111 2.46 -3.95 24.97
N TRP B 112 1.59 -2.93 25.11
CA TRP B 112 1.59 -2.03 26.25
C TRP B 112 1.37 -2.77 27.53
N LYS B 113 2.21 -2.47 28.56
CA LYS B 113 2.17 -3.01 29.94
C LYS B 113 0.67 -3.08 30.49
N GLY B 114 -0.12 -2.06 30.17
CA GLY B 114 -1.50 -1.85 30.56
C GLY B 114 -2.39 -2.89 29.97
N LEU B 115 -2.25 -3.11 28.67
CA LEU B 115 -3.10 -4.11 27.97
C LEU B 115 -2.71 -5.55 28.39
N VAL B 116 -1.42 -5.93 28.37
CA VAL B 116 -0.91 -7.24 28.88
C VAL B 116 -1.46 -7.52 30.30
N VAL B 117 -1.35 -6.57 31.26
CA VAL B 117 -1.80 -6.74 32.66
C VAL B 117 -3.32 -6.81 32.77
N HIS B 118 -4.07 -6.14 31.84
CA HIS B 118 -5.51 -6.16 31.77
C HIS B 118 -5.94 -7.54 31.34
N ALA B 119 -5.35 -8.06 30.27
CA ALA B 119 -5.62 -9.38 29.70
C ALA B 119 -5.26 -10.49 30.71
N LEU B 120 -4.15 -10.36 31.42
CA LEU B 120 -3.74 -11.37 32.43
C LEU B 120 -4.66 -11.34 33.68
N GLY B 121 -5.25 -10.17 33.90
CA GLY B 121 -6.16 -9.83 34.97
C GLY B 121 -7.39 -10.65 34.81
N HIS B 122 -7.86 -10.79 33.54
CA HIS B 122 -8.97 -11.65 33.08
C HIS B 122 -8.59 -13.11 33.24
N ALA B 123 -7.44 -13.54 32.71
CA ALA B 123 -6.91 -14.91 32.80
C ALA B 123 -6.80 -15.46 34.24
N VAL B 124 -6.51 -14.63 35.26
CA VAL B 124 -6.42 -15.15 36.63
C VAL B 124 -7.84 -15.13 37.34
N GLY B 125 -8.86 -14.54 36.74
CA GLY B 125 -10.19 -14.50 37.33
C GLY B 125 -10.93 -13.17 37.46
N PHE B 126 -10.44 -12.07 36.88
CA PHE B 126 -11.07 -10.78 37.07
C PHE B 126 -11.88 -10.31 35.89
N TRP B 127 -13.03 -9.74 36.17
CA TRP B 127 -13.95 -9.23 35.20
C TRP B 127 -13.74 -7.72 34.93
N HIS B 128 -14.77 -6.91 34.62
CA HIS B 128 -14.71 -5.49 34.29
C HIS B 128 -15.28 -4.64 35.41
N GLU B 129 -14.57 -3.62 35.77
CA GLU B 129 -14.93 -2.75 36.86
C GLU B 129 -16.24 -1.87 36.62
N GLN B 130 -16.55 -1.51 35.35
CA GLN B 130 -17.73 -0.69 35.05
C GLN B 130 -19.10 -1.48 35.11
N ASN B 131 -19.13 -2.83 35.35
CA ASN B 131 -20.42 -3.48 35.44
C ASN B 131 -20.66 -4.08 36.83
N ARG B 132 -19.88 -3.66 37.85
CA ARG B 132 -20.06 -3.98 39.27
C ARG B 132 -21.50 -3.63 39.70
N ALA B 133 -22.09 -4.31 40.73
CA ALA B 133 -23.47 -3.95 41.13
C ALA B 133 -23.69 -2.50 41.56
N ASP B 134 -22.72 -1.88 42.25
CA ASP B 134 -22.82 -0.52 42.78
C ASP B 134 -22.31 0.57 41.84
N ARG B 135 -21.83 0.22 40.63
CA ARG B 135 -21.20 1.14 39.67
C ARG B 135 -21.96 2.45 39.41
N ASP B 136 -23.26 2.46 39.60
CA ASP B 136 -24.08 3.63 39.32
C ASP B 136 -23.92 4.70 40.36
N ASP B 137 -23.35 4.38 41.52
CA ASP B 137 -23.06 5.38 42.53
C ASP B 137 -21.75 6.13 42.22
N TYR B 138 -21.00 5.73 41.15
CA TYR B 138 -19.73 6.25 40.74
C TYR B 138 -19.68 6.61 39.26
N ILE B 139 -20.43 5.90 38.42
CA ILE B 139 -20.45 6.18 36.98
C ILE B 139 -21.89 6.20 36.41
N GLU B 140 -22.05 7.00 35.36
CA GLU B 140 -23.15 7.28 34.45
C GLU B 140 -22.82 6.75 33.03
N VAL B 141 -23.64 5.89 32.53
CA VAL B 141 -23.59 5.32 31.20
C VAL B 141 -24.42 6.17 30.24
N ILE B 142 -23.81 6.78 29.26
CA ILE B 142 -24.51 7.64 28.33
C ILE B 142 -24.90 6.72 27.27
N TRP B 143 -26.03 6.03 27.47
CA TRP B 143 -26.50 5.02 26.53
C TRP B 143 -26.61 5.58 25.09
N ASP B 144 -27.09 6.83 24.92
CA ASP B 144 -27.24 7.42 23.59
C ASP B 144 -25.87 7.66 22.87
N ASN B 145 -24.73 7.40 23.52
CA ASN B 145 -23.45 7.56 22.86
C ASN B 145 -22.82 6.22 22.43
N ILE B 146 -23.20 5.15 23.05
CA ILE B 146 -22.73 3.80 22.71
C ILE B 146 -23.46 3.27 21.43
N LEU B 147 -22.74 2.49 20.58
CA LEU B 147 -23.39 1.86 19.39
C LEU B 147 -24.58 1.01 19.86
N GLN B 148 -25.66 0.89 19.09
CA GLN B 148 -26.80 0.09 19.53
C GLN B 148 -26.46 -1.43 19.61
N SER B 149 -25.62 -1.96 18.68
CA SER B 149 -25.22 -3.37 18.76
C SER B 149 -24.35 -3.69 20.02
N MET B 150 -23.76 -2.65 20.68
CA MET B 150 -22.80 -2.73 21.76
C MET B 150 -23.27 -2.45 23.20
N GLN B 151 -24.55 -2.14 23.40
CA GLN B 151 -25.15 -1.74 24.68
C GLN B 151 -25.12 -2.80 25.78
N TYR B 152 -25.40 -4.07 25.50
CA TYR B 152 -25.29 -5.14 26.53
C TYR B 152 -23.93 -5.13 27.24
N ASN B 153 -22.88 -4.60 26.56
CA ASN B 153 -21.52 -4.46 27.10
C ASN B 153 -21.51 -3.53 28.37
N PHE B 154 -22.61 -2.79 28.63
CA PHE B 154 -22.74 -1.84 29.73
C PHE B 154 -23.76 -2.22 30.80
N ASN B 155 -24.38 -3.39 30.69
CA ASN B 155 -25.30 -3.86 31.69
C ASN B 155 -24.53 -4.26 32.91
N LYS B 156 -24.93 -3.76 34.05
CA LYS B 156 -24.25 -4.04 35.32
C LYS B 156 -24.78 -5.30 35.96
N MET B 157 -24.17 -5.71 37.06
CA MET B 157 -24.62 -6.88 37.81
C MET B 157 -25.69 -6.49 38.79
N GLU B 158 -26.55 -7.43 39.13
CA GLU B 158 -27.58 -7.17 40.15
C GLU B 158 -26.98 -7.54 41.49
N PRO B 159 -27.28 -6.77 42.55
CA PRO B 159 -26.65 -7.03 43.85
C PRO B 159 -26.82 -8.48 44.34
N TRP B 160 -25.86 -8.98 45.15
CA TRP B 160 -25.96 -10.38 45.61
C TRP B 160 -25.70 -10.61 47.11
N GLU B 161 -24.64 -10.02 47.73
CA GLU B 161 -24.41 -10.27 49.17
C GLU B 161 -23.93 -9.03 49.95
N ASN B 162 -24.90 -8.23 50.46
CA ASN B 162 -24.71 -7.00 51.25
C ASN B 162 -23.69 -6.02 50.61
N ASN B 163 -23.48 -6.15 49.27
CA ASN B 163 -22.49 -5.44 48.45
C ASN B 163 -21.08 -5.54 49.10
N TYR B 164 -20.79 -6.71 49.73
CA TYR B 164 -19.51 -7.03 50.39
C TYR B 164 -18.32 -7.10 49.44
N LEU B 165 -18.58 -7.04 48.10
CA LEU B 165 -17.66 -7.10 46.93
C LEU B 165 -16.17 -7.41 47.34
N ASN B 166 -15.17 -6.66 46.87
CA ASN B 166 -13.80 -6.92 47.27
C ASN B 166 -13.27 -5.66 47.96
N GLU B 167 -13.20 -4.61 47.16
CA GLU B 167 -12.70 -3.28 47.43
C GLU B 167 -13.72 -2.23 46.90
N ARG B 168 -13.55 -0.95 47.27
CA ARG B 168 -14.44 0.09 46.79
C ARG B 168 -14.19 0.35 45.30
N PHE B 169 -15.25 0.84 44.58
CA PHE B 169 -15.15 1.19 43.16
C PHE B 169 -13.94 2.09 42.91
N ASP B 170 -13.03 1.59 42.10
CA ASP B 170 -11.76 2.20 41.76
C ASP B 170 -11.80 2.79 40.36
N TYR B 171 -11.67 4.08 40.29
CA TYR B 171 -11.53 4.83 39.05
C TYR B 171 -10.19 4.60 38.37
N LYS B 172 -9.15 4.10 39.10
CA LYS B 172 -7.76 3.84 38.66
C LYS B 172 -7.45 2.35 38.36
N SER B 173 -8.48 1.53 38.26
CA SER B 173 -8.39 0.11 38.00
C SER B 173 -7.96 -0.23 36.60
N VAL B 174 -7.01 -1.18 36.42
CA VAL B 174 -6.60 -1.62 35.10
C VAL B 174 -7.78 -2.34 34.41
N MET B 175 -8.81 -2.75 35.15
CA MET B 175 -9.97 -3.50 34.66
C MET B 175 -11.23 -2.62 34.36
N LEU B 176 -11.06 -1.33 34.30
CA LEU B 176 -12.11 -0.37 34.04
C LEU B 176 -11.79 0.32 32.71
N TYR B 177 -12.69 0.26 31.75
CA TYR B 177 -12.47 0.95 30.49
C TYR B 177 -12.63 2.46 30.62
N GLY B 178 -11.90 3.19 29.81
CA GLY B 178 -12.00 4.64 29.70
C GLY B 178 -13.34 5.10 29.19
N GLU B 179 -13.60 6.38 29.26
CA GLU B 179 -14.88 7.01 28.90
C GLU B 179 -15.41 6.79 27.48
N THR B 180 -14.55 6.43 26.53
CA THR B 180 -14.94 6.37 25.13
C THR B 180 -14.95 4.91 24.55
N ALA B 181 -15.02 3.90 25.47
CA ALA B 181 -15.18 2.52 25.12
C ALA B 181 -16.50 2.32 24.41
N PHE B 182 -16.49 1.60 23.26
CA PHE B 182 -17.64 1.25 22.43
C PHE B 182 -18.50 2.46 21.98
N SER B 183 -17.85 3.62 21.72
CA SER B 183 -18.52 4.87 21.32
C SER B 183 -18.98 4.82 19.89
N LYS B 184 -20.04 5.58 19.59
CA LYS B 184 -20.66 5.56 18.27
C LYS B 184 -19.79 6.29 17.26
N ASP B 185 -19.16 7.41 17.66
CA ASP B 185 -18.35 8.18 16.71
C ASP B 185 -16.86 8.29 17.04
N GLY B 186 -16.41 7.57 18.04
CA GLY B 186 -15.01 7.58 18.45
C GLY B 186 -14.70 8.54 19.57
N THR B 187 -15.37 9.72 19.61
CA THR B 187 -15.04 10.70 20.63
C THR B 187 -16.15 10.93 21.66
N SER B 188 -17.42 10.70 21.35
CA SER B 188 -18.51 10.90 22.32
C SER B 188 -18.44 9.93 23.53
N PRO B 189 -18.51 10.43 24.79
CA PRO B 189 -18.34 9.52 25.94
C PRO B 189 -19.52 8.56 26.18
N THR B 190 -19.17 7.29 26.33
CA THR B 190 -20.11 6.23 26.70
C THR B 190 -20.08 6.10 28.24
N VAL B 191 -19.20 6.83 29.00
CA VAL B 191 -19.16 6.74 30.47
C VAL B 191 -18.78 8.09 31.05
N ARG B 192 -19.43 8.49 32.11
CA ARG B 192 -19.17 9.73 32.79
C ARG B 192 -19.00 9.41 34.27
N PRO B 193 -17.82 9.74 34.84
CA PRO B 193 -17.64 9.55 36.31
C PRO B 193 -18.39 10.63 37.12
N LYS B 194 -19.00 10.26 38.26
CA LYS B 194 -19.82 11.14 39.13
C LYS B 194 -18.99 11.98 40.14
N GLN B 195 -17.86 11.42 40.59
CA GLN B 195 -16.98 12.17 41.50
C GLN B 195 -16.38 13.34 40.75
N PRO B 196 -16.68 14.56 41.15
CA PRO B 196 -16.06 15.74 40.50
C PRO B 196 -14.53 15.67 40.26
N GLY B 197 -14.15 16.16 39.06
CA GLY B 197 -12.79 16.32 38.62
C GLY B 197 -12.03 15.13 38.07
N VAL B 198 -12.60 13.91 38.20
CA VAL B 198 -12.10 12.58 37.77
C VAL B 198 -12.20 12.28 36.29
N VAL B 199 -11.08 11.85 35.70
CA VAL B 199 -11.03 11.23 34.36
C VAL B 199 -10.41 9.80 34.53
N ILE B 200 -11.06 8.81 33.94
CA ILE B 200 -10.61 7.43 33.99
C ILE B 200 -9.38 7.25 33.09
N GLY B 201 -9.55 7.60 31.81
CA GLY B 201 -8.53 7.49 30.77
C GLY B 201 -8.41 6.14 30.07
N PRO B 202 -7.43 6.05 29.18
CA PRO B 202 -7.15 4.74 28.52
C PRO B 202 -6.38 3.73 29.41
N VAL B 203 -6.62 2.42 29.18
CA VAL B 203 -5.98 1.28 29.86
C VAL B 203 -4.49 1.12 29.39
N TRP B 204 -4.27 1.35 28.10
CA TRP B 204 -2.96 1.18 27.54
C TRP B 204 -1.90 2.07 28.12
N LYS B 205 -2.32 3.19 28.71
CA LYS B 205 -1.44 4.19 29.35
C LYS B 205 -1.25 3.95 30.86
N LYS B 206 -2.03 3.06 31.47
CA LYS B 206 -1.94 2.74 32.89
C LYS B 206 -0.63 1.95 33.11
N PRO B 207 -0.01 2.00 34.29
CA PRO B 207 1.31 1.35 34.43
C PRO B 207 1.29 -0.03 35.08
N GLY B 208 0.14 -0.68 35.06
CA GLY B 208 -0.10 -1.96 35.71
C GLY B 208 -1.28 -1.80 36.65
N PHE B 209 -1.14 -2.35 37.84
CA PHE B 209 -2.13 -2.26 38.90
C PHE B 209 -2.17 -0.91 39.60
N SER B 210 -3.34 -0.63 40.15
CA SER B 210 -3.57 0.43 41.10
C SER B 210 -3.47 -0.20 42.52
N GLU B 211 -3.44 0.60 43.60
CA GLU B 211 -3.47 0.02 44.95
C GLU B 211 -4.74 -0.93 45.19
N SER B 212 -5.92 -0.61 44.61
CA SER B 212 -7.10 -1.43 44.78
C SER B 212 -6.99 -2.74 43.96
N ASP B 213 -6.29 -2.71 42.83
CA ASP B 213 -6.06 -3.93 42.03
C ASP B 213 -5.23 -4.92 42.83
N VAL B 214 -4.11 -4.47 43.40
CA VAL B 214 -3.23 -5.30 44.22
C VAL B 214 -4.01 -5.99 45.36
N ARG B 215 -4.88 -5.23 46.08
CA ARG B 215 -5.69 -5.74 47.19
C ARG B 215 -6.70 -6.79 46.70
N ARG B 216 -7.27 -6.59 45.52
CA ARG B 216 -8.24 -7.51 44.94
C ARG B 216 -7.59 -8.82 44.57
N VAL B 217 -6.41 -8.77 43.91
CA VAL B 217 -5.69 -9.96 43.49
C VAL B 217 -5.28 -10.79 44.71
N ASN B 218 -4.72 -10.13 45.73
CA ASN B 218 -4.25 -10.73 46.97
C ASN B 218 -5.38 -11.32 47.80
N ARG B 219 -6.58 -10.74 47.73
CA ARG B 219 -7.72 -11.22 48.52
C ARG B 219 -8.28 -12.54 47.94
N LEU B 220 -8.40 -12.58 46.61
CA LEU B 220 -8.91 -13.72 45.86
C LEU B 220 -8.01 -14.94 46.04
N TYR B 221 -6.70 -14.74 45.93
CA TYR B 221 -5.71 -15.81 45.99
C TYR B 221 -5.10 -16.05 47.38
N GLU B 222 -5.66 -15.43 48.42
CA GLU B 222 -5.19 -15.54 49.80
C GLU B 222 -3.69 -15.22 49.93
N CYS B 223 -3.22 -14.20 49.20
CA CYS B 223 -1.83 -13.79 49.27
C CYS B 223 -1.66 -13.01 50.51
N PHE B 224 -0.89 -13.54 51.46
CA PHE B 224 -0.49 -12.73 52.59
C PHE B 224 0.99 -12.49 52.35
N GLY B 225 1.26 -11.80 51.24
CA GLY B 225 2.58 -11.45 50.73
C GLY B 225 2.53 -10.54 49.53
#